data_1X8T
#
_entry.id   1X8T
#
_cell.length_a   57.160
_cell.length_b   84.500
_cell.length_c   88.240
_cell.angle_alpha   90.00
_cell.angle_beta   90.00
_cell.angle_gamma   90.00
#
_symmetry.space_group_name_H-M   'P 21 21 21'
#
loop_
_entity.id
_entity.type
_entity.pdbx_description
1 polymer '3-phosphoshikimate 1-carboxyvinyltransferase'
2 non-polymer '[3R-[3A,4A,5B(R*)]]-5-(1-CARBOXY-1-PHOSPHONOETHOXY)-4-HYDROXY-3-(PHOSPHONOOXY)-1-CYCLOHEXENE-1-CARBOXYLIC ACID'
3 non-polymer 'FORMIC ACID'
4 water water
#
_entity_poly.entity_id   1
_entity_poly.type   'polypeptide(L)'
_entity_poly.pdbx_seq_one_letter_code
;MESLTLQPIARVDGTINLPGSKSVSNRALLLAALAHGKTVLTNLLDSDDVRHMLNALTALGVSYTLSADRTRCEIIGNGG
PLHAEGALELFLGNAGTAMRPLAAALCLGSNDIVLTGEPRMKERPIGHLVDALRLGGAKITYLEQENYPPLRLQGGFTGG
NVDVDGSVSSQFLTALLMTAPLAPEDTVIRIKGDLVSKPYIDITLNLMKTFGVEIENQHYQQFVVKGGQSYQSPGTYLVE
GDASSASYFLAAAAIKGGTVKVTGIGRNSMQGDIRFADVLEKMGATICWGDDYISCTRGELNAIDMDMNHIPDAAMTIAT
AALFAKGTTTLRNIYNWRVKETDRLFAMATELRKVGAEVEEGHDYIRITPPEKLNFAEIATYNDHRMAMCFSLVALSDTP
VTILDPKCTAKTFPDYFEQLARISQAA
;
_entity_poly.pdbx_strand_id   A
#
# COMPACT_ATOMS: atom_id res chain seq x y z
N MET A 1 -9.07 15.67 20.34
CA MET A 1 -9.20 15.00 19.02
C MET A 1 -9.46 16.02 17.91
N GLU A 2 -8.55 16.06 16.93
CA GLU A 2 -8.70 16.97 15.82
C GLU A 2 -9.75 16.40 14.87
N SER A 3 -10.37 17.26 14.07
CA SER A 3 -11.37 16.79 13.12
C SER A 3 -11.52 17.77 11.98
N LEU A 4 -12.12 17.28 10.91
CA LEU A 4 -12.35 18.07 9.72
C LEU A 4 -13.79 17.78 9.30
N THR A 5 -14.56 18.82 9.05
CA THR A 5 -15.93 18.64 8.62
C THR A 5 -16.05 19.04 7.16
N LEU A 6 -16.53 18.11 6.34
CA LEU A 6 -16.69 18.35 4.91
C LEU A 6 -18.14 18.71 4.67
N GLN A 7 -18.36 19.85 4.01
CA GLN A 7 -19.71 20.24 3.69
C GLN A 7 -20.08 19.47 2.43
N PRO A 8 -21.39 19.25 2.19
CA PRO A 8 -21.82 18.51 1.01
C PRO A 8 -21.16 19.07 -0.26
N ILE A 9 -20.76 18.16 -1.14
CA ILE A 9 -20.12 18.53 -2.40
C ILE A 9 -21.17 18.27 -3.48
N ALA A 10 -21.57 19.34 -4.16
CA ALA A 10 -22.58 19.26 -5.20
C ALA A 10 -22.14 18.51 -6.44
N ARG A 11 -20.87 18.63 -6.79
CA ARG A 11 -20.36 17.99 -8.01
C ARG A 11 -18.85 17.93 -7.93
N VAL A 12 -18.25 16.92 -8.56
CA VAL A 12 -16.81 16.86 -8.59
C VAL A 12 -16.45 16.84 -10.05
N ASP A 13 -15.36 17.51 -10.37
CA ASP A 13 -14.90 17.58 -11.73
C ASP A 13 -13.54 18.23 -11.69
N GLY A 14 -12.62 17.67 -12.45
CA GLY A 14 -11.29 18.25 -12.50
C GLY A 14 -10.23 17.23 -12.79
N THR A 15 -8.99 17.67 -12.64
CA THR A 15 -7.83 16.84 -12.87
C THR A 15 -6.94 16.84 -11.63
N ILE A 16 -6.50 15.66 -11.23
CA ILE A 16 -5.62 15.52 -10.08
C ILE A 16 -4.30 14.91 -10.51
N ASN A 17 -3.20 15.57 -10.17
CA ASN A 17 -1.87 15.02 -10.46
C ASN A 17 -1.59 14.20 -9.21
N LEU A 18 -1.64 12.89 -9.38
CA LEU A 18 -1.46 11.96 -8.27
C LEU A 18 -0.17 12.03 -7.52
N PRO A 19 -0.23 11.82 -6.20
CA PRO A 19 1.01 11.84 -5.43
C PRO A 19 1.68 10.52 -5.85
N GLY A 20 2.96 10.37 -5.57
CA GLY A 20 3.64 9.14 -5.97
C GLY A 20 3.12 7.90 -5.28
N SER A 21 3.28 6.77 -5.96
CA SER A 21 2.85 5.49 -5.40
C SER A 21 3.70 5.17 -4.18
N LYS A 22 3.05 4.88 -3.06
CA LYS A 22 3.78 4.53 -1.85
C LYS A 22 4.45 3.17 -2.04
N SER A 23 3.73 2.24 -2.66
CA SER A 23 4.24 0.89 -2.90
C SER A 23 5.50 0.94 -3.75
N VAL A 24 5.44 1.68 -4.84
CA VAL A 24 6.60 1.81 -5.71
C VAL A 24 7.71 2.57 -5.01
N SER A 25 7.37 3.69 -4.37
CA SER A 25 8.38 4.50 -3.70
C SER A 25 9.25 3.76 -2.71
N ASN A 26 8.65 3.03 -1.78
CA ASN A 26 9.46 2.34 -0.79
C ASN A 26 10.24 1.16 -1.37
N ARG A 27 9.71 0.53 -2.40
CA ARG A 27 10.45 -0.55 -3.03
C ARG A 27 11.66 0.07 -3.74
N ALA A 28 11.41 1.17 -4.46
CA ALA A 28 12.47 1.85 -5.18
C ALA A 28 13.55 2.37 -4.24
N LEU A 29 13.15 2.88 -3.08
CA LEU A 29 14.13 3.39 -2.14
C LEU A 29 15.03 2.28 -1.62
N LEU A 30 14.45 1.15 -1.25
CA LEU A 30 15.24 0.05 -0.74
C LEU A 30 16.19 -0.49 -1.82
N LEU A 31 15.68 -0.72 -3.01
CA LEU A 31 16.52 -1.23 -4.09
C LEU A 31 17.60 -0.21 -4.42
N ALA A 32 17.23 1.07 -4.42
CA ALA A 32 18.21 2.12 -4.69
C ALA A 32 19.33 2.09 -3.64
N ALA A 33 18.96 1.81 -2.40
CA ALA A 33 19.94 1.76 -1.33
C ALA A 33 20.88 0.57 -1.46
N LEU A 34 20.35 -0.57 -1.92
CA LEU A 34 21.14 -1.79 -2.06
C LEU A 34 21.97 -1.82 -3.34
N ALA A 35 21.51 -1.07 -4.35
CA ALA A 35 22.14 -1.03 -5.66
C ALA A 35 23.49 -0.31 -5.73
N HIS A 36 24.16 -0.54 -6.85
CA HIS A 36 25.43 0.10 -7.14
C HIS A 36 25.08 1.30 -8.01
N GLY A 37 25.66 2.45 -7.69
CA GLY A 37 25.40 3.63 -8.49
C GLY A 37 24.44 4.59 -7.83
N LYS A 38 24.21 5.71 -8.48
CA LYS A 38 23.30 6.72 -7.97
C LYS A 38 21.96 6.56 -8.66
N THR A 39 20.90 6.44 -7.87
CA THR A 39 19.56 6.34 -8.45
C THR A 39 18.88 7.67 -8.18
N VAL A 40 18.18 8.16 -9.18
CA VAL A 40 17.44 9.40 -9.02
C VAL A 40 15.98 9.05 -9.18
N LEU A 41 15.25 9.10 -8.07
CA LEU A 41 13.84 8.80 -8.12
C LEU A 41 13.09 10.11 -8.32
N THR A 42 12.13 10.10 -9.23
CA THR A 42 11.32 11.28 -9.46
C THR A 42 9.87 10.90 -9.20
N ASN A 43 9.07 11.90 -8.83
CA ASN A 43 7.66 11.70 -8.50
C ASN A 43 7.58 10.81 -7.28
N LEU A 44 8.60 10.87 -6.44
CA LEU A 44 8.63 10.09 -5.22
C LEU A 44 7.52 10.63 -4.31
N LEU A 45 6.88 9.74 -3.58
CA LEU A 45 5.82 10.16 -2.68
C LEU A 45 6.39 10.78 -1.41
N ASP A 46 5.82 11.93 -1.03
CA ASP A 46 6.24 12.55 0.20
C ASP A 46 5.07 12.29 1.15
N SER A 47 5.26 11.35 2.07
CA SER A 47 4.22 10.99 3.03
C SER A 47 4.96 10.31 4.16
N ASP A 48 4.27 10.05 5.25
CA ASP A 48 4.89 9.42 6.40
C ASP A 48 5.54 8.09 6.08
N ASP A 49 4.88 7.25 5.30
CA ASP A 49 5.45 5.95 4.97
C ASP A 49 6.81 6.08 4.30
N VAL A 50 6.92 7.04 3.37
CA VAL A 50 8.18 7.24 2.68
C VAL A 50 9.19 7.94 3.60
N ARG A 51 8.72 8.94 4.35
CA ARG A 51 9.63 9.62 5.26
C ARG A 51 10.25 8.63 6.24
N HIS A 52 9.45 7.69 6.74
CA HIS A 52 9.98 6.71 7.67
C HIS A 52 10.99 5.81 7.00
N MET A 53 10.75 5.49 5.73
CA MET A 53 11.69 4.66 5.00
C MET A 53 13.00 5.45 4.87
N LEU A 54 12.89 6.71 4.47
CA LEU A 54 14.07 7.56 4.29
C LEU A 54 14.83 7.68 5.60
N ASN A 55 14.09 7.82 6.70
CA ASN A 55 14.71 7.93 8.03
C ASN A 55 15.48 6.65 8.34
N ALA A 56 14.90 5.49 8.02
CA ALA A 56 15.58 4.23 8.27
C ALA A 56 16.85 4.14 7.41
N LEU A 57 16.77 4.56 6.16
CA LEU A 57 17.94 4.50 5.30
C LEU A 57 19.04 5.38 5.90
N THR A 58 18.66 6.55 6.41
CA THR A 58 19.64 7.46 7.01
C THR A 58 20.30 6.76 8.17
N ALA A 59 19.49 6.12 9.02
CA ALA A 59 19.99 5.42 10.19
C ALA A 59 20.94 4.30 9.74
N LEU A 60 20.64 3.69 8.60
CA LEU A 60 21.46 2.60 8.09
C LEU A 60 22.71 3.08 7.36
N GLY A 61 22.93 4.39 7.34
CA GLY A 61 24.12 4.93 6.70
C GLY A 61 24.01 5.22 5.21
N VAL A 62 22.81 5.16 4.66
CA VAL A 62 22.63 5.44 3.23
C VAL A 62 22.56 6.94 3.00
N SER A 63 23.29 7.44 1.99
CA SER A 63 23.29 8.87 1.66
C SER A 63 22.33 9.19 0.54
N TYR A 64 21.56 10.25 0.72
CA TYR A 64 20.61 10.65 -0.30
C TYR A 64 20.29 12.13 -0.11
N THR A 65 19.73 12.74 -1.14
CA THR A 65 19.35 14.14 -1.10
C THR A 65 17.95 14.22 -1.68
N LEU A 66 17.14 15.10 -1.12
CA LEU A 66 15.76 15.29 -1.56
C LEU A 66 15.54 16.68 -2.14
N SER A 67 14.65 16.76 -3.14
CA SER A 67 14.34 18.05 -3.76
C SER A 67 13.47 18.80 -2.76
N ALA A 68 13.19 20.06 -3.08
CA ALA A 68 12.38 20.91 -2.22
C ALA A 68 11.01 20.28 -1.89
N ASP A 69 10.31 19.79 -2.90
CA ASP A 69 9.01 19.18 -2.64
C ASP A 69 9.13 17.72 -2.23
N ARG A 70 10.36 17.31 -1.93
CA ARG A 70 10.68 15.94 -1.51
C ARG A 70 10.16 14.88 -2.47
N THR A 71 9.97 15.23 -3.75
CA THR A 71 9.49 14.25 -4.72
C THR A 71 10.61 13.76 -5.62
N ARG A 72 11.79 14.39 -5.49
CA ARG A 72 12.93 13.96 -6.27
C ARG A 72 14.00 13.56 -5.27
N CYS A 73 14.50 12.35 -5.42
CA CYS A 73 15.50 11.84 -4.48
C CYS A 73 16.69 11.19 -5.18
N GLU A 74 17.89 11.63 -4.83
CA GLU A 74 19.12 11.08 -5.39
C GLU A 74 19.75 10.21 -4.33
N ILE A 75 19.75 8.91 -4.57
CA ILE A 75 20.31 7.98 -3.61
C ILE A 75 21.67 7.45 -4.01
N ILE A 76 22.60 7.44 -3.06
CA ILE A 76 23.92 6.89 -3.32
C ILE A 76 23.83 5.43 -2.92
N GLY A 77 23.77 4.55 -3.92
CA GLY A 77 23.66 3.13 -3.65
C GLY A 77 24.78 2.60 -2.77
N ASN A 78 24.43 1.66 -1.90
CA ASN A 78 25.40 1.05 -0.99
C ASN A 78 26.28 0.04 -1.71
N GLY A 79 25.81 -0.45 -2.86
CA GLY A 79 26.58 -1.42 -3.62
C GLY A 79 26.58 -2.77 -2.93
N GLY A 80 25.41 -3.16 -2.43
CA GLY A 80 25.29 -4.44 -1.74
C GLY A 80 24.55 -4.35 -0.43
N PRO A 81 24.35 -5.48 0.26
CA PRO A 81 23.66 -5.57 1.55
C PRO A 81 24.08 -4.47 2.52
N LEU A 82 23.12 -3.94 3.25
CA LEU A 82 23.42 -2.90 4.23
C LEU A 82 23.97 -3.64 5.45
N HIS A 83 24.97 -3.05 6.08
CA HIS A 83 25.57 -3.66 7.26
C HIS A 83 25.22 -2.86 8.49
N ALA A 84 24.76 -3.56 9.52
CA ALA A 84 24.38 -2.92 10.77
C ALA A 84 24.68 -3.87 11.92
N GLU A 85 25.60 -3.45 12.79
CA GLU A 85 25.99 -4.26 13.94
C GLU A 85 25.74 -3.46 15.21
N GLY A 86 26.01 -4.08 16.35
CA GLY A 86 25.84 -3.40 17.62
C GLY A 86 24.48 -3.54 18.25
N ALA A 87 23.59 -4.28 17.62
CA ALA A 87 22.25 -4.49 18.15
C ALA A 87 21.57 -3.16 18.42
N LEU A 88 21.70 -2.23 17.46
CA LEU A 88 21.08 -0.93 17.59
C LEU A 88 19.61 -1.03 17.19
N GLU A 89 18.82 -0.04 17.58
CA GLU A 89 17.41 -0.06 17.22
C GLU A 89 17.21 0.74 15.95
N LEU A 90 16.46 0.16 15.02
CA LEU A 90 16.14 0.82 13.77
C LEU A 90 14.66 1.11 13.92
N PHE A 91 14.31 2.39 14.00
CA PHE A 91 12.91 2.79 14.18
C PHE A 91 12.28 3.06 12.82
N LEU A 92 11.25 2.28 12.49
CA LEU A 92 10.58 2.39 11.20
C LEU A 92 9.25 3.15 11.23
N GLY A 93 9.01 3.88 12.32
CA GLY A 93 7.78 4.65 12.42
C GLY A 93 6.52 3.80 12.32
N ASN A 94 5.84 3.89 11.19
CA ASN A 94 4.63 3.10 10.97
C ASN A 94 4.59 2.59 9.53
N ALA A 95 5.76 2.49 8.90
CA ALA A 95 5.84 2.04 7.51
C ALA A 95 6.01 0.54 7.38
N GLY A 96 4.91 -0.17 7.12
CA GLY A 96 4.98 -1.61 6.97
C GLY A 96 5.77 -1.98 5.73
N THR A 97 5.73 -1.12 4.72
CA THR A 97 6.48 -1.40 3.52
C THR A 97 7.97 -1.13 3.74
N ALA A 98 8.33 -0.76 4.99
CA ALA A 98 9.73 -0.58 5.33
C ALA A 98 10.04 -1.78 6.23
N MET A 99 9.19 -1.98 7.23
CA MET A 99 9.37 -3.07 8.18
C MET A 99 9.53 -4.44 7.51
N ARG A 100 8.56 -4.83 6.68
CA ARG A 100 8.66 -6.12 6.03
C ARG A 100 9.90 -6.29 5.15
N PRO A 101 10.10 -5.38 4.19
CA PRO A 101 11.28 -5.50 3.31
C PRO A 101 12.61 -5.44 4.05
N LEU A 102 12.73 -4.52 5.00
CA LEU A 102 13.97 -4.40 5.75
C LEU A 102 14.20 -5.58 6.68
N ALA A 103 13.13 -6.17 7.20
CA ALA A 103 13.30 -7.33 8.07
C ALA A 103 14.04 -8.40 7.27
N ALA A 104 13.65 -8.56 6.01
CA ALA A 104 14.30 -9.57 5.18
C ALA A 104 15.71 -9.13 4.75
N ALA A 105 15.81 -7.94 4.19
CA ALA A 105 17.10 -7.45 3.70
C ALA A 105 18.19 -7.40 4.76
N LEU A 106 17.83 -7.02 5.98
CA LEU A 106 18.84 -6.95 7.02
C LEU A 106 19.22 -8.29 7.62
N CYS A 107 18.69 -9.37 7.03
CA CYS A 107 19.03 -10.74 7.46
C CYS A 107 20.21 -11.22 6.63
N LEU A 108 20.63 -10.40 5.68
CA LEU A 108 21.76 -10.73 4.82
C LEU A 108 23.05 -10.41 5.58
N GLY A 109 24.00 -11.34 5.54
CA GLY A 109 25.26 -11.11 6.21
C GLY A 109 25.27 -11.48 7.69
N SER A 110 26.00 -10.71 8.47
CA SER A 110 26.14 -10.95 9.90
C SER A 110 25.70 -9.75 10.72
N ASN A 111 24.57 -9.15 10.36
CA ASN A 111 24.09 -7.98 11.11
C ASN A 111 23.59 -8.35 12.49
N ASP A 112 23.29 -7.31 13.26
CA ASP A 112 22.71 -7.46 14.57
C ASP A 112 22.01 -6.12 14.73
N ILE A 113 20.71 -6.14 14.52
CA ILE A 113 19.93 -4.91 14.59
C ILE A 113 18.52 -5.26 15.04
N VAL A 114 17.88 -4.31 15.70
CA VAL A 114 16.52 -4.50 16.17
C VAL A 114 15.57 -3.61 15.39
N LEU A 115 14.55 -4.21 14.79
CA LEU A 115 13.57 -3.43 14.04
C LEU A 115 12.33 -3.22 14.89
N THR A 116 11.88 -1.99 14.92
CA THR A 116 10.69 -1.66 15.67
C THR A 116 10.11 -0.41 15.05
N GLY A 117 9.07 0.12 15.68
CA GLY A 117 8.46 1.33 15.20
C GLY A 117 7.45 1.75 16.23
N GLU A 118 6.48 2.56 15.81
CA GLU A 118 5.45 3.02 16.70
C GLU A 118 4.73 1.79 17.24
N PRO A 119 4.07 1.93 18.39
CA PRO A 119 3.36 0.81 19.00
C PRO A 119 2.48 0.02 18.02
N ARG A 120 1.76 0.73 17.15
CA ARG A 120 0.88 0.08 16.20
C ARG A 120 1.58 -0.85 15.22
N MET A 121 2.84 -0.57 14.94
CA MET A 121 3.62 -1.43 14.03
C MET A 121 3.73 -2.82 14.66
N LYS A 122 3.81 -2.85 15.98
CA LYS A 122 3.95 -4.12 16.68
C LYS A 122 2.69 -4.95 16.58
N GLU A 123 1.62 -4.37 16.04
CA GLU A 123 0.36 -5.09 15.91
C GLU A 123 0.18 -5.74 14.53
N ARG A 124 1.09 -5.46 13.60
CA ARG A 124 1.00 -6.04 12.26
C ARG A 124 1.86 -7.31 12.24
N PRO A 125 1.25 -8.43 11.85
CA PRO A 125 1.94 -9.73 11.80
C PRO A 125 3.13 -9.80 10.86
N ILE A 126 4.14 -10.54 11.27
CA ILE A 126 5.34 -10.71 10.46
C ILE A 126 5.85 -12.14 10.63
N GLY A 127 5.10 -12.93 11.39
CA GLY A 127 5.48 -14.31 11.63
C GLY A 127 5.77 -15.13 10.39
N HIS A 128 4.95 -15.00 9.36
CA HIS A 128 5.17 -15.77 8.14
C HIS A 128 6.49 -15.45 7.47
N LEU A 129 6.87 -14.17 7.52
CA LEU A 129 8.12 -13.76 6.93
C LEU A 129 9.29 -14.28 7.75
N VAL A 130 9.19 -14.16 9.08
CA VAL A 130 10.25 -14.66 9.95
C VAL A 130 10.43 -16.17 9.71
N ASP A 131 9.32 -16.90 9.62
CA ASP A 131 9.39 -18.33 9.40
C ASP A 131 10.20 -18.62 8.14
N ALA A 132 9.88 -17.92 7.06
CA ALA A 132 10.58 -18.11 5.80
C ALA A 132 12.05 -17.74 5.90
N LEU A 133 12.33 -16.56 6.45
CA LEU A 133 13.71 -16.11 6.60
C LEU A 133 14.57 -17.14 7.35
N ARG A 134 14.04 -17.66 8.45
CA ARG A 134 14.74 -18.67 9.25
C ARG A 134 15.04 -19.91 8.42
N LEU A 135 14.08 -20.34 7.61
CA LEU A 135 14.30 -21.52 6.77
C LEU A 135 15.46 -21.22 5.83
N GLY A 136 15.65 -19.94 5.55
CA GLY A 136 16.74 -19.53 4.69
C GLY A 136 18.04 -19.34 5.44
N GLY A 137 18.03 -19.59 6.75
CA GLY A 137 19.23 -19.45 7.55
C GLY A 137 19.27 -18.28 8.52
N ALA A 138 18.31 -17.36 8.40
CA ALA A 138 18.29 -16.20 9.27
C ALA A 138 18.07 -16.51 10.74
N LYS A 139 18.78 -15.75 11.58
CA LYS A 139 18.64 -15.87 13.03
C LYS A 139 17.77 -14.67 13.41
N ILE A 140 16.58 -14.96 13.92
CA ILE A 140 15.64 -13.90 14.27
C ILE A 140 14.99 -14.20 15.62
N THR A 141 14.88 -13.15 16.43
CA THR A 141 14.28 -13.28 17.73
C THR A 141 13.18 -12.25 17.93
N TYR A 142 12.03 -12.72 18.41
CA TYR A 142 10.91 -11.85 18.70
C TYR A 142 11.20 -11.28 20.08
N LEU A 143 11.26 -9.96 20.18
CA LEU A 143 11.55 -9.34 21.46
C LEU A 143 10.29 -9.17 22.31
N GLU A 144 9.13 -9.26 21.69
CA GLU A 144 7.88 -9.13 22.43
C GLU A 144 6.94 -10.25 22.06
N GLN A 145 5.82 -9.92 21.43
CA GLN A 145 4.88 -10.96 21.06
C GLN A 145 5.38 -11.75 19.88
N GLU A 146 5.31 -13.07 20.00
CA GLU A 146 5.72 -13.99 18.96
C GLU A 146 4.94 -13.60 17.71
N ASN A 147 5.59 -13.70 16.56
CA ASN A 147 5.00 -13.40 15.25
C ASN A 147 4.77 -11.94 14.92
N TYR A 148 5.30 -11.04 15.75
CA TYR A 148 5.17 -9.61 15.53
C TYR A 148 6.45 -8.87 15.83
N PRO A 149 6.57 -7.62 15.35
CA PRO A 149 7.77 -6.84 15.62
C PRO A 149 7.57 -6.50 17.11
N PRO A 150 8.63 -6.07 17.81
CA PRO A 150 10.00 -5.87 17.31
C PRO A 150 10.77 -7.16 17.12
N LEU A 151 11.72 -7.11 16.19
CA LEU A 151 12.55 -8.26 15.89
C LEU A 151 13.99 -7.90 16.06
N ARG A 152 14.78 -8.87 16.52
CA ARG A 152 16.21 -8.69 16.62
C ARG A 152 16.76 -9.59 15.53
N LEU A 153 17.39 -8.98 14.53
CA LEU A 153 17.93 -9.72 13.41
C LEU A 153 19.42 -9.93 13.61
N GLN A 154 19.86 -11.18 13.49
CA GLN A 154 21.28 -11.43 13.66
C GLN A 154 21.89 -12.14 12.46
N GLY A 155 21.37 -11.79 11.28
CA GLY A 155 21.86 -12.30 10.02
C GLY A 155 21.73 -13.79 9.75
N GLY A 156 22.46 -14.24 8.73
CA GLY A 156 22.45 -15.64 8.39
C GLY A 156 21.60 -16.09 7.23
N PHE A 157 20.82 -15.21 6.61
CA PHE A 157 20.04 -15.66 5.48
C PHE A 157 20.97 -15.91 4.31
N THR A 158 21.14 -17.18 3.94
CA THR A 158 22.04 -17.52 2.85
C THR A 158 21.31 -17.99 1.60
N GLY A 159 20.04 -18.34 1.76
CA GLY A 159 19.26 -18.81 0.64
C GLY A 159 18.81 -20.24 0.83
N GLY A 160 18.66 -20.99 -0.26
CA GLY A 160 18.24 -22.37 -0.15
C GLY A 160 16.74 -22.53 -0.41
N ASN A 161 16.18 -23.64 0.08
CA ASN A 161 14.76 -23.94 -0.09
C ASN A 161 13.97 -23.22 1.01
N VAL A 162 13.14 -22.27 0.59
CA VAL A 162 12.36 -21.50 1.54
C VAL A 162 10.86 -21.56 1.25
N ASP A 163 10.08 -21.96 2.26
CA ASP A 163 8.62 -21.99 2.11
C ASP A 163 8.14 -20.67 2.69
N VAL A 164 7.06 -20.14 2.15
CA VAL A 164 6.49 -18.93 2.69
C VAL A 164 4.98 -18.98 2.52
N ASP A 165 4.29 -18.63 3.60
CA ASP A 165 2.84 -18.60 3.65
C ASP A 165 2.45 -17.28 2.96
N GLY A 166 1.65 -17.35 1.90
CA GLY A 166 1.26 -16.14 1.21
C GLY A 166 -0.23 -15.87 1.37
N SER A 167 -0.84 -16.53 2.34
CA SER A 167 -2.27 -16.43 2.60
C SER A 167 -2.74 -15.23 3.41
N VAL A 168 -1.84 -14.58 4.13
CA VAL A 168 -2.23 -13.41 4.93
C VAL A 168 -1.71 -12.11 4.30
N SER A 169 -0.48 -12.15 3.79
CA SER A 169 0.06 -10.94 3.17
C SER A 169 1.04 -11.25 2.05
N SER A 170 0.91 -10.53 0.95
CA SER A 170 1.81 -10.68 -0.18
C SER A 170 3.13 -10.03 0.18
N GLN A 171 3.12 -9.16 1.20
CA GLN A 171 4.33 -8.46 1.59
C GLN A 171 5.48 -9.33 2.08
N PHE A 172 5.15 -10.50 2.66
CA PHE A 172 6.22 -11.35 3.13
C PHE A 172 6.97 -11.88 1.91
N LEU A 173 6.23 -12.36 0.92
CA LEU A 173 6.85 -12.84 -0.32
C LEU A 173 7.64 -11.70 -0.96
N THR A 174 7.05 -10.52 -1.00
CA THR A 174 7.73 -9.36 -1.57
C THR A 174 9.08 -9.13 -0.92
N ALA A 175 9.10 -9.16 0.41
CA ALA A 175 10.33 -8.95 1.16
C ALA A 175 11.36 -10.04 0.81
N LEU A 176 10.93 -11.29 0.76
CA LEU A 176 11.83 -12.39 0.42
C LEU A 176 12.37 -12.22 -1.01
N LEU A 177 11.49 -11.89 -1.95
CA LEU A 177 11.89 -11.71 -3.33
C LEU A 177 12.97 -10.65 -3.52
N MET A 178 12.86 -9.52 -2.81
CA MET A 178 13.85 -8.45 -2.99
C MET A 178 15.19 -8.79 -2.35
N THR A 179 15.16 -9.54 -1.27
CA THR A 179 16.37 -9.91 -0.56
C THR A 179 17.14 -11.08 -1.17
N ALA A 180 16.41 -12.12 -1.58
CA ALA A 180 17.03 -13.33 -2.11
C ALA A 180 18.12 -13.22 -3.17
N PRO A 181 17.94 -12.33 -4.17
CA PRO A 181 18.96 -12.19 -5.23
C PRO A 181 20.35 -11.88 -4.67
N LEU A 182 20.38 -11.21 -3.52
CA LEU A 182 21.63 -10.85 -2.88
C LEU A 182 22.20 -11.93 -1.95
N ALA A 183 21.41 -12.96 -1.66
CA ALA A 183 21.89 -14.02 -0.79
C ALA A 183 22.98 -14.78 -1.57
N PRO A 184 23.96 -15.34 -0.86
CA PRO A 184 25.05 -16.08 -1.52
C PRO A 184 24.61 -17.33 -2.27
N GLU A 185 23.58 -17.99 -1.79
CA GLU A 185 23.11 -19.21 -2.44
C GLU A 185 21.83 -18.94 -3.20
N ASP A 186 21.50 -19.81 -4.15
CA ASP A 186 20.27 -19.68 -4.91
C ASP A 186 19.13 -19.97 -3.93
N THR A 187 17.98 -19.38 -4.17
CA THR A 187 16.84 -19.60 -3.30
C THR A 187 15.62 -20.08 -4.07
N VAL A 188 14.92 -21.05 -3.50
CA VAL A 188 13.72 -21.54 -4.14
C VAL A 188 12.61 -21.19 -3.15
N ILE A 189 11.83 -20.17 -3.49
CA ILE A 189 10.73 -19.74 -2.63
C ILE A 189 9.47 -20.49 -3.05
N ARG A 190 8.96 -21.31 -2.14
CA ARG A 190 7.77 -22.10 -2.39
C ARG A 190 6.60 -21.51 -1.61
N ILE A 191 5.50 -21.20 -2.29
CA ILE A 191 4.32 -20.64 -1.62
C ILE A 191 3.54 -21.83 -1.06
N LYS A 192 3.30 -21.79 0.26
CA LYS A 192 2.60 -22.88 0.93
C LYS A 192 1.24 -23.19 0.33
N GLY A 193 0.42 -22.17 0.13
CA GLY A 193 -0.91 -22.38 -0.44
C GLY A 193 -1.39 -21.19 -1.25
N ASP A 194 -2.43 -20.51 -0.73
CA ASP A 194 -2.97 -19.36 -1.43
C ASP A 194 -2.05 -18.17 -1.33
N LEU A 195 -2.12 -17.29 -2.32
CA LEU A 195 -1.33 -16.06 -2.35
C LEU A 195 -2.31 -14.92 -2.51
N VAL A 196 -2.40 -14.07 -1.49
CA VAL A 196 -3.33 -12.96 -1.55
C VAL A 196 -2.59 -11.71 -2.05
N SER A 197 -3.37 -10.73 -2.49
CA SER A 197 -2.80 -9.47 -2.98
C SER A 197 -1.72 -9.73 -4.01
N LYS A 198 -1.97 -10.70 -4.90
CA LYS A 198 -1.01 -11.06 -5.93
C LYS A 198 -0.45 -9.92 -6.76
N PRO A 199 -1.27 -8.93 -7.14
CA PRO A 199 -0.76 -7.81 -7.94
C PRO A 199 0.45 -7.12 -7.34
N TYR A 200 0.55 -7.11 -6.00
CA TYR A 200 1.69 -6.45 -5.37
C TYR A 200 2.99 -7.21 -5.65
N ILE A 201 2.87 -8.50 -5.90
CA ILE A 201 4.06 -9.29 -6.22
C ILE A 201 4.57 -8.83 -7.58
N ASP A 202 3.65 -8.48 -8.48
CA ASP A 202 4.06 -8.02 -9.81
C ASP A 202 4.78 -6.68 -9.70
N ILE A 203 4.33 -5.81 -8.81
CA ILE A 203 5.00 -4.53 -8.62
C ILE A 203 6.44 -4.81 -8.19
N THR A 204 6.57 -5.67 -7.20
CA THR A 204 7.88 -6.07 -6.68
C THR A 204 8.79 -6.57 -7.79
N LEU A 205 8.30 -7.53 -8.58
CA LEU A 205 9.07 -8.09 -9.67
C LEU A 205 9.44 -7.02 -10.71
N ASN A 206 8.50 -6.13 -11.00
CA ASN A 206 8.73 -5.04 -11.93
C ASN A 206 9.88 -4.15 -11.41
N LEU A 207 9.80 -3.75 -10.14
CA LEU A 207 10.85 -2.90 -9.56
C LEU A 207 12.20 -3.61 -9.57
N MET A 208 12.20 -4.89 -9.20
CA MET A 208 13.42 -5.66 -9.20
C MET A 208 14.07 -5.71 -10.57
N LYS A 209 13.27 -5.94 -11.61
CA LYS A 209 13.82 -6.00 -12.96
C LYS A 209 14.39 -4.63 -13.34
N THR A 210 13.71 -3.58 -12.92
CA THR A 210 14.18 -2.22 -13.22
C THR A 210 15.57 -2.03 -12.63
N PHE A 211 15.77 -2.61 -11.45
CA PHE A 211 17.06 -2.50 -10.78
C PHE A 211 18.06 -3.60 -11.16
N GLY A 212 17.78 -4.25 -12.27
CA GLY A 212 18.68 -5.26 -12.81
C GLY A 212 18.55 -6.72 -12.40
N VAL A 213 17.45 -7.09 -11.76
CA VAL A 213 17.29 -8.46 -11.31
C VAL A 213 15.97 -9.08 -11.73
N GLU A 214 16.06 -10.30 -12.26
CA GLU A 214 14.90 -11.06 -12.67
C GLU A 214 14.97 -12.41 -11.99
N ILE A 215 13.81 -13.02 -11.81
CA ILE A 215 13.77 -14.32 -11.17
C ILE A 215 12.82 -15.17 -11.99
N GLU A 216 12.75 -16.45 -11.68
CA GLU A 216 11.85 -17.32 -12.41
C GLU A 216 10.57 -17.47 -11.62
N ASN A 217 9.48 -16.95 -12.15
CA ASN A 217 8.17 -17.06 -11.49
C ASN A 217 7.44 -18.27 -12.07
N GLN A 218 7.19 -19.28 -11.25
CA GLN A 218 6.49 -20.46 -11.73
C GLN A 218 5.04 -20.41 -11.27
N HIS A 219 4.22 -19.75 -12.08
CA HIS A 219 2.79 -19.57 -11.82
C HIS A 219 2.46 -19.09 -10.42
N TYR A 220 3.35 -18.30 -9.86
CA TYR A 220 3.20 -17.73 -8.53
C TYR A 220 3.10 -18.76 -7.41
N GLN A 221 3.56 -19.98 -7.69
CA GLN A 221 3.51 -21.06 -6.70
C GLN A 221 4.91 -21.28 -6.14
N GLN A 222 5.90 -20.92 -6.95
CA GLN A 222 7.28 -21.07 -6.55
C GLN A 222 8.11 -20.08 -7.34
N PHE A 223 9.12 -19.52 -6.69
CA PHE A 223 9.98 -18.54 -7.34
C PHE A 223 11.42 -18.96 -7.20
N VAL A 224 12.07 -19.13 -8.35
CA VAL A 224 13.47 -19.53 -8.38
C VAL A 224 14.35 -18.29 -8.52
N VAL A 225 15.19 -18.08 -7.53
CA VAL A 225 16.08 -16.92 -7.50
C VAL A 225 17.53 -17.35 -7.49
N LYS A 226 18.33 -16.81 -8.40
CA LYS A 226 19.75 -17.12 -8.43
C LYS A 226 20.40 -16.18 -7.43
N GLY A 227 21.22 -16.71 -6.54
CA GLY A 227 21.87 -15.85 -5.56
C GLY A 227 23.10 -15.18 -6.13
N GLY A 228 23.80 -14.41 -5.32
CA GLY A 228 25.01 -13.73 -5.76
C GLY A 228 24.81 -12.63 -6.78
N GLN A 229 23.60 -12.06 -6.84
CA GLN A 229 23.33 -10.99 -7.77
C GLN A 229 23.56 -9.64 -7.12
N SER A 230 23.43 -8.59 -7.91
CA SER A 230 23.61 -7.23 -7.42
C SER A 230 22.57 -6.35 -8.08
N TYR A 231 22.03 -5.41 -7.32
CA TYR A 231 21.06 -4.47 -7.89
C TYR A 231 21.89 -3.36 -8.50
N GLN A 232 21.44 -2.86 -9.64
CA GLN A 232 22.15 -1.80 -10.34
C GLN A 232 21.24 -0.58 -10.51
N SER A 233 21.79 0.60 -10.29
CA SER A 233 21.00 1.81 -10.46
C SER A 233 20.46 1.89 -11.88
N PRO A 234 19.17 2.22 -12.05
CA PRO A 234 18.59 2.34 -13.40
C PRO A 234 18.78 3.79 -13.88
N GLY A 235 19.53 4.56 -13.10
CA GLY A 235 19.76 5.96 -13.43
C GLY A 235 18.61 6.74 -12.85
N THR A 236 17.75 7.27 -13.71
CA THR A 236 16.59 8.02 -13.24
C THR A 236 15.40 7.07 -13.29
N TYR A 237 14.58 7.11 -12.26
CA TYR A 237 13.41 6.25 -12.22
C TYR A 237 12.19 7.08 -11.90
N LEU A 238 11.16 6.96 -12.72
CA LEU A 238 9.92 7.70 -12.49
C LEU A 238 8.94 6.84 -11.71
N VAL A 239 8.56 7.32 -10.52
CA VAL A 239 7.60 6.61 -9.70
C VAL A 239 6.19 6.86 -10.24
N GLU A 240 5.43 5.80 -10.48
CA GLU A 240 4.07 5.96 -10.97
C GLU A 240 3.25 6.70 -9.89
N GLY A 241 2.22 7.42 -10.31
CA GLY A 241 1.35 8.09 -9.36
C GLY A 241 0.69 6.94 -8.59
N ASP A 242 0.14 7.22 -7.42
CA ASP A 242 -0.46 6.18 -6.59
C ASP A 242 -1.88 5.79 -7.01
N ALA A 243 -2.04 4.56 -7.50
CA ALA A 243 -3.35 4.09 -7.95
C ALA A 243 -4.33 3.89 -6.81
N SER A 244 -3.82 3.61 -5.61
CA SER A 244 -4.70 3.44 -4.47
C SER A 244 -5.26 4.81 -4.08
N SER A 245 -4.38 5.81 -4.07
CA SER A 245 -4.80 7.17 -3.73
C SER A 245 -5.78 7.68 -4.81
N ALA A 246 -5.56 7.24 -6.04
CA ALA A 246 -6.41 7.67 -7.14
C ALA A 246 -7.84 7.16 -7.02
N SER A 247 -8.05 6.04 -6.32
CA SER A 247 -9.39 5.46 -6.23
C SER A 247 -10.42 6.41 -5.65
N TYR A 248 -10.00 7.19 -4.65
CA TYR A 248 -10.92 8.11 -4.01
C TYR A 248 -11.47 9.14 -5.02
N PHE A 249 -10.61 9.68 -5.85
CA PHE A 249 -11.02 10.69 -6.83
C PHE A 249 -11.83 10.09 -7.97
N LEU A 250 -11.44 8.91 -8.44
CA LEU A 250 -12.21 8.28 -9.50
C LEU A 250 -13.60 7.93 -8.94
N ALA A 251 -13.65 7.42 -7.72
CA ALA A 251 -14.94 7.07 -7.12
C ALA A 251 -15.79 8.33 -6.95
N ALA A 252 -15.15 9.43 -6.55
CA ALA A 252 -15.87 10.68 -6.37
C ALA A 252 -16.63 11.05 -7.65
N ALA A 253 -15.97 10.86 -8.79
CA ALA A 253 -16.59 11.17 -10.07
C ALA A 253 -17.71 10.19 -10.37
N ALA A 254 -17.48 8.90 -10.08
CA ALA A 254 -18.51 7.90 -10.32
C ALA A 254 -19.76 8.23 -9.51
N ILE A 255 -19.55 8.87 -8.35
CA ILE A 255 -20.64 9.23 -7.47
C ILE A 255 -21.25 10.59 -7.74
N LYS A 256 -20.39 11.59 -7.91
CA LYS A 256 -20.87 12.95 -8.07
C LYS A 256 -20.30 13.75 -9.25
N GLY A 257 -19.79 13.07 -10.26
CA GLY A 257 -19.25 13.79 -11.40
C GLY A 257 -20.33 14.20 -12.39
N GLY A 258 -19.97 14.92 -13.45
CA GLY A 258 -18.61 15.35 -13.68
C GLY A 258 -17.61 14.31 -14.13
N THR A 259 -16.43 14.77 -14.49
CA THR A 259 -15.35 13.88 -14.91
C THR A 259 -14.13 14.22 -14.07
N VAL A 260 -13.52 13.21 -13.49
CA VAL A 260 -12.30 13.46 -12.73
C VAL A 260 -11.19 12.66 -13.40
N LYS A 261 -10.12 13.35 -13.75
CA LYS A 261 -8.98 12.72 -14.39
C LYS A 261 -7.83 12.70 -13.42
N VAL A 262 -7.19 11.54 -13.28
CA VAL A 262 -6.03 11.46 -12.41
C VAL A 262 -4.86 11.22 -13.32
N THR A 263 -3.77 11.94 -13.08
CA THR A 263 -2.59 11.78 -13.92
C THR A 263 -1.47 11.15 -13.12
N GLY A 264 -0.57 10.43 -13.81
CA GLY A 264 0.53 9.79 -13.12
C GLY A 264 0.41 8.28 -13.26
N ILE A 265 -0.76 7.82 -13.67
CA ILE A 265 -1.01 6.40 -13.90
C ILE A 265 -1.83 6.30 -15.15
N GLY A 266 -1.69 5.19 -15.87
CA GLY A 266 -2.43 5.01 -17.10
C GLY A 266 -2.61 3.53 -17.37
N ARG A 267 -3.00 3.21 -18.59
CA ARG A 267 -3.25 1.84 -18.97
C ARG A 267 -2.03 0.92 -18.86
N ASN A 268 -0.83 1.51 -18.83
CA ASN A 268 0.41 0.74 -18.74
C ASN A 268 0.91 0.55 -17.30
N SER A 269 0.24 1.16 -16.33
CA SER A 269 0.64 1.06 -14.93
C SER A 269 0.83 -0.36 -14.42
N MET A 270 1.80 -0.52 -13.52
CA MET A 270 2.09 -1.83 -12.93
C MET A 270 1.23 -2.11 -11.70
N GLN A 271 0.61 -1.08 -11.14
CA GLN A 271 -0.19 -1.26 -9.92
C GLN A 271 -1.52 -1.94 -10.12
N GLY A 272 -1.80 -2.93 -9.28
CA GLY A 272 -3.05 -3.64 -9.42
C GLY A 272 -4.26 -2.77 -9.15
N ASP A 273 -4.10 -1.72 -8.35
CA ASP A 273 -5.25 -0.89 -8.05
C ASP A 273 -5.83 -0.10 -9.22
N ILE A 274 -5.17 -0.10 -10.37
CA ILE A 274 -5.77 0.60 -11.50
C ILE A 274 -6.98 -0.24 -11.89
N ARG A 275 -7.02 -1.50 -11.46
CA ARG A 275 -8.16 -2.36 -11.78
C ARG A 275 -9.41 -1.90 -11.03
N PHE A 276 -9.21 -0.96 -10.10
CA PHE A 276 -10.32 -0.40 -9.33
C PHE A 276 -11.24 0.27 -10.35
N ALA A 277 -10.64 0.82 -11.40
CA ALA A 277 -11.43 1.50 -12.44
C ALA A 277 -12.42 0.55 -13.10
N ASP A 278 -12.03 -0.71 -13.28
CA ASP A 278 -12.91 -1.71 -13.90
C ASP A 278 -14.15 -1.93 -13.02
N VAL A 279 -13.96 -1.86 -11.70
CA VAL A 279 -15.06 -2.06 -10.78
C VAL A 279 -16.06 -0.92 -10.93
N LEU A 280 -15.57 0.31 -11.00
CA LEU A 280 -16.45 1.46 -11.16
C LEU A 280 -17.21 1.32 -12.48
N GLU A 281 -16.50 0.84 -13.49
CA GLU A 281 -17.10 0.66 -14.80
C GLU A 281 -18.22 -0.38 -14.68
N LYS A 282 -17.96 -1.46 -13.95
CA LYS A 282 -18.97 -2.50 -13.76
C LYS A 282 -20.16 -1.95 -12.98
N MET A 283 -19.91 -0.95 -12.14
CA MET A 283 -20.97 -0.36 -11.34
C MET A 283 -21.81 0.62 -12.15
N GLY A 284 -21.30 1.05 -13.31
CA GLY A 284 -22.07 1.96 -14.12
C GLY A 284 -21.39 3.26 -14.50
N ALA A 285 -20.20 3.50 -13.97
CA ALA A 285 -19.46 4.71 -14.30
C ALA A 285 -18.73 4.53 -15.64
N THR A 286 -18.32 5.65 -16.23
CA THR A 286 -17.59 5.64 -17.50
C THR A 286 -16.11 5.87 -17.21
N ILE A 287 -15.26 5.01 -17.77
CA ILE A 287 -13.82 5.15 -17.57
C ILE A 287 -13.09 5.42 -18.87
N CYS A 288 -12.12 6.33 -18.83
CA CYS A 288 -11.31 6.63 -19.99
C CYS A 288 -9.88 6.37 -19.59
N TRP A 289 -9.18 5.62 -20.44
CA TRP A 289 -7.80 5.25 -20.17
C TRP A 289 -6.86 6.01 -21.09
N GLY A 290 -5.82 6.58 -20.51
CA GLY A 290 -4.84 7.29 -21.30
C GLY A 290 -3.48 6.71 -21.01
N ASP A 291 -2.47 7.21 -21.71
CA ASP A 291 -1.12 6.72 -21.48
C ASP A 291 -0.64 7.12 -20.09
N ASP A 292 -1.00 8.34 -19.66
CA ASP A 292 -0.61 8.81 -18.34
C ASP A 292 -1.77 9.37 -17.53
N TYR A 293 -2.95 8.81 -17.75
CA TYR A 293 -4.11 9.23 -16.99
C TYR A 293 -5.19 8.19 -17.04
N ILE A 294 -6.12 8.32 -16.10
CA ILE A 294 -7.29 7.49 -16.04
C ILE A 294 -8.33 8.50 -15.63
N SER A 295 -9.50 8.46 -16.26
CA SER A 295 -10.53 9.39 -15.88
C SER A 295 -11.82 8.63 -15.67
N CYS A 296 -12.68 9.18 -14.85
CA CYS A 296 -13.95 8.57 -14.57
C CYS A 296 -15.01 9.64 -14.73
N THR A 297 -16.09 9.27 -15.41
CA THR A 297 -17.20 10.18 -15.60
C THR A 297 -18.45 9.55 -15.03
N ARG A 298 -19.22 10.34 -14.30
CA ARG A 298 -20.46 9.88 -13.70
C ARG A 298 -21.36 9.21 -14.74
N GLY A 299 -21.92 8.06 -14.37
CA GLY A 299 -22.84 7.36 -15.23
C GLY A 299 -23.98 7.08 -14.27
N GLU A 300 -23.96 5.90 -13.67
CA GLU A 300 -24.92 5.53 -12.66
C GLU A 300 -24.11 4.63 -11.75
N LEU A 301 -24.68 4.23 -10.62
CA LEU A 301 -23.97 3.35 -9.72
C LEU A 301 -24.88 2.23 -9.30
N ASN A 302 -24.47 1.01 -9.64
CA ASN A 302 -25.21 -0.18 -9.32
C ASN A 302 -24.35 -1.06 -8.43
N ALA A 303 -24.96 -1.64 -7.42
CA ALA A 303 -24.25 -2.51 -6.50
C ALA A 303 -23.62 -3.67 -7.26
N ILE A 304 -22.52 -4.18 -6.71
CA ILE A 304 -21.84 -5.32 -7.31
C ILE A 304 -21.52 -6.33 -6.20
N ASP A 305 -21.18 -7.55 -6.61
CA ASP A 305 -20.84 -8.61 -5.68
C ASP A 305 -19.58 -9.21 -6.28
N MET A 306 -18.43 -8.86 -5.73
CA MET A 306 -17.17 -9.33 -6.28
C MET A 306 -16.14 -9.73 -5.24
N ASP A 307 -15.22 -10.58 -5.70
CA ASP A 307 -14.08 -11.03 -4.91
C ASP A 307 -13.13 -9.85 -5.12
N MET A 308 -12.70 -9.22 -4.03
CA MET A 308 -11.83 -8.05 -4.13
C MET A 308 -10.39 -8.31 -3.67
N ASN A 309 -10.01 -9.59 -3.62
CA ASN A 309 -8.67 -9.93 -3.16
C ASN A 309 -7.54 -9.33 -3.97
N HIS A 310 -7.79 -9.02 -5.24
CA HIS A 310 -6.76 -8.43 -6.09
C HIS A 310 -6.55 -6.93 -5.84
N ILE A 311 -7.52 -6.26 -5.24
CA ILE A 311 -7.42 -4.82 -4.95
C ILE A 311 -7.95 -4.56 -3.55
N PRO A 312 -7.36 -5.21 -2.54
CA PRO A 312 -7.81 -5.03 -1.16
C PRO A 312 -7.96 -3.60 -0.65
N ASP A 313 -7.01 -2.73 -0.98
CA ASP A 313 -7.05 -1.35 -0.51
C ASP A 313 -8.08 -0.53 -1.27
N ALA A 314 -8.00 -0.55 -2.59
CA ALA A 314 -8.97 0.19 -3.39
C ALA A 314 -10.39 -0.34 -3.13
N ALA A 315 -10.51 -1.58 -2.67
CA ALA A 315 -11.82 -2.15 -2.40
C ALA A 315 -12.54 -1.38 -1.28
N MET A 316 -11.79 -0.82 -0.34
CA MET A 316 -12.39 -0.05 0.74
C MET A 316 -13.15 1.13 0.16
N THR A 317 -12.59 1.69 -0.90
CA THR A 317 -13.22 2.81 -1.56
C THR A 317 -14.57 2.37 -2.13
N ILE A 318 -14.62 1.16 -2.69
CA ILE A 318 -15.89 0.67 -3.22
C ILE A 318 -16.90 0.53 -2.08
N ALA A 319 -16.43 0.16 -0.89
CA ALA A 319 -17.33 0.02 0.26
C ALA A 319 -18.12 1.32 0.57
N THR A 320 -17.48 2.48 0.51
CA THR A 320 -18.28 3.70 0.77
C THR A 320 -18.97 4.17 -0.51
N ALA A 321 -18.40 3.87 -1.67
CA ALA A 321 -19.06 4.25 -2.90
C ALA A 321 -20.39 3.50 -2.96
N ALA A 322 -20.40 2.31 -2.35
CA ALA A 322 -21.59 1.46 -2.31
C ALA A 322 -22.76 2.18 -1.65
N LEU A 323 -22.45 3.14 -0.77
CA LEU A 323 -23.49 3.90 -0.10
C LEU A 323 -24.35 4.63 -1.14
N PHE A 324 -23.75 4.91 -2.29
CA PHE A 324 -24.46 5.64 -3.34
C PHE A 324 -24.96 4.75 -4.47
N ALA A 325 -24.73 3.45 -4.38
CA ALA A 325 -25.16 2.56 -5.44
C ALA A 325 -26.53 1.95 -5.20
N LYS A 326 -27.18 1.54 -6.28
CA LYS A 326 -28.49 0.92 -6.17
C LYS A 326 -28.33 -0.56 -5.88
N GLY A 327 -28.86 -0.99 -4.75
CA GLY A 327 -28.78 -2.39 -4.38
C GLY A 327 -27.72 -2.65 -3.33
N THR A 328 -27.62 -3.92 -2.95
CA THR A 328 -26.66 -4.34 -1.94
C THR A 328 -25.33 -4.78 -2.55
N THR A 329 -24.27 -4.15 -2.08
CA THR A 329 -22.92 -4.46 -2.55
C THR A 329 -22.26 -5.46 -1.62
N THR A 330 -21.59 -6.45 -2.19
CA THR A 330 -20.88 -7.44 -1.40
C THR A 330 -19.43 -7.50 -1.88
N LEU A 331 -18.49 -7.34 -0.96
CA LEU A 331 -17.07 -7.40 -1.29
C LEU A 331 -16.57 -8.63 -0.55
N ARG A 332 -16.07 -9.60 -1.31
CA ARG A 332 -15.62 -10.87 -0.76
C ARG A 332 -14.13 -11.10 -0.80
N ASN A 333 -13.69 -12.06 0.01
CA ASN A 333 -12.31 -12.49 0.08
C ASN A 333 -11.36 -11.34 0.44
N ILE A 334 -11.72 -10.59 1.48
CA ILE A 334 -10.89 -9.47 1.93
C ILE A 334 -10.55 -9.62 3.39
N TYR A 335 -10.26 -10.85 3.79
CA TYR A 335 -9.93 -11.10 5.17
C TYR A 335 -8.79 -10.22 5.68
N ASN A 336 -7.71 -10.06 4.91
CA ASN A 336 -6.61 -9.28 5.47
C ASN A 336 -6.87 -7.80 5.71
N TRP A 337 -8.13 -7.41 5.50
CA TRP A 337 -8.54 -6.05 5.84
C TRP A 337 -8.36 -6.03 7.36
N ARG A 338 -8.55 -7.19 7.97
CA ARG A 338 -8.46 -7.32 9.42
C ARG A 338 -7.10 -7.12 10.05
N VAL A 339 -6.02 -7.34 9.30
CA VAL A 339 -4.69 -7.22 9.90
C VAL A 339 -3.88 -6.02 9.46
N LYS A 340 -4.55 -5.00 8.93
CA LYS A 340 -3.82 -3.83 8.47
C LYS A 340 -3.84 -2.66 9.45
N GLU A 341 -3.79 -1.41 8.97
CA GLU A 341 -3.75 -0.25 9.87
C GLU A 341 -4.72 -0.36 11.04
N THR A 342 -5.83 -1.04 10.81
CA THR A 342 -6.82 -1.31 11.82
C THR A 342 -7.57 -2.48 11.23
N ASP A 343 -8.52 -3.05 11.97
CA ASP A 343 -9.29 -4.13 11.39
C ASP A 343 -10.29 -3.36 10.54
N ARG A 344 -10.02 -3.30 9.25
CA ARG A 344 -10.86 -2.58 8.32
C ARG A 344 -12.25 -3.15 8.11
N LEU A 345 -12.43 -4.44 8.34
CA LEU A 345 -13.77 -5.00 8.19
C LEU A 345 -14.61 -4.49 9.34
N PHE A 346 -14.05 -4.57 10.54
CA PHE A 346 -14.77 -4.07 11.71
C PHE A 346 -15.03 -2.58 11.57
N ALA A 347 -13.97 -1.84 11.25
CA ALA A 347 -14.02 -0.39 11.14
C ALA A 347 -14.98 0.08 10.06
N MET A 348 -14.85 -0.48 8.85
CA MET A 348 -15.72 -0.09 7.75
C MET A 348 -17.18 -0.37 8.10
N ALA A 349 -17.47 -1.55 8.65
CA ALA A 349 -18.85 -1.87 9.00
C ALA A 349 -19.39 -0.89 10.04
N THR A 350 -18.59 -0.62 11.07
CA THR A 350 -18.99 0.29 12.14
C THR A 350 -19.29 1.69 11.62
N GLU A 351 -18.38 2.27 10.86
CA GLU A 351 -18.60 3.61 10.36
C GLU A 351 -19.67 3.69 9.27
N LEU A 352 -19.78 2.66 8.43
CA LEU A 352 -20.80 2.69 7.39
C LEU A 352 -22.19 2.69 8.04
N ARG A 353 -22.34 1.90 9.10
CA ARG A 353 -23.63 1.85 9.79
C ARG A 353 -23.97 3.20 10.41
N LYS A 354 -22.94 3.95 10.82
CA LYS A 354 -23.16 5.25 11.44
C LYS A 354 -23.76 6.27 10.50
N VAL A 355 -23.48 6.16 9.20
CA VAL A 355 -24.07 7.10 8.24
C VAL A 355 -25.38 6.56 7.68
N GLY A 356 -25.87 5.44 8.24
CA GLY A 356 -27.15 4.91 7.81
C GLY A 356 -27.25 3.57 7.10
N ALA A 357 -26.14 3.01 6.66
CA ALA A 357 -26.20 1.73 5.95
C ALA A 357 -26.46 0.51 6.83
N GLU A 358 -27.08 -0.50 6.24
CA GLU A 358 -27.31 -1.77 6.93
C GLU A 358 -26.12 -2.55 6.42
N VAL A 359 -25.29 -3.04 7.33
CA VAL A 359 -24.09 -3.75 6.97
C VAL A 359 -23.88 -5.09 7.66
N GLU A 360 -23.53 -6.10 6.89
CA GLU A 360 -23.23 -7.39 7.47
C GLU A 360 -21.71 -7.51 7.45
N GLU A 361 -21.09 -7.58 8.62
CA GLU A 361 -19.66 -7.74 8.67
C GLU A 361 -19.38 -9.23 8.68
N GLY A 362 -19.06 -9.77 7.52
CA GLY A 362 -18.75 -11.18 7.43
C GLY A 362 -17.33 -11.38 7.89
N HIS A 363 -16.94 -12.63 8.13
CA HIS A 363 -15.60 -12.88 8.60
C HIS A 363 -14.54 -12.38 7.63
N ASP A 364 -14.80 -12.55 6.34
CA ASP A 364 -13.84 -12.11 5.33
C ASP A 364 -14.54 -11.45 4.14
N TYR A 365 -15.68 -10.83 4.42
CA TYR A 365 -16.43 -10.12 3.39
C TYR A 365 -17.30 -9.09 4.08
N ILE A 366 -17.93 -8.23 3.29
CA ILE A 366 -18.79 -7.21 3.82
C ILE A 366 -19.90 -7.01 2.83
N ARG A 367 -21.13 -6.92 3.35
CA ARG A 367 -22.31 -6.71 2.52
C ARG A 367 -22.89 -5.38 2.98
N ILE A 368 -23.06 -4.47 2.03
CA ILE A 368 -23.54 -3.13 2.31
C ILE A 368 -24.86 -2.77 1.65
N THR A 369 -25.87 -2.48 2.46
CA THR A 369 -27.17 -2.09 1.93
C THR A 369 -27.32 -0.62 2.26
N PRO A 370 -27.21 0.24 1.25
CA PRO A 370 -27.32 1.68 1.45
C PRO A 370 -28.68 2.14 1.93
N PRO A 371 -28.69 3.22 2.73
CA PRO A 371 -29.96 3.74 3.25
C PRO A 371 -30.56 4.58 2.14
N GLU A 372 -31.81 4.99 2.29
CA GLU A 372 -32.45 5.83 1.28
C GLU A 372 -31.69 7.14 1.23
N LYS A 373 -31.23 7.59 2.40
CA LYS A 373 -30.46 8.82 2.51
C LYS A 373 -29.46 8.69 3.65
N LEU A 374 -28.28 9.25 3.44
CA LEU A 374 -27.23 9.20 4.44
C LEU A 374 -27.56 10.18 5.53
N ASN A 375 -26.99 9.96 6.70
CA ASN A 375 -27.20 10.88 7.79
C ASN A 375 -25.83 11.30 8.28
N PHE A 376 -25.79 12.37 9.05
CA PHE A 376 -24.52 12.84 9.57
C PHE A 376 -23.92 11.86 10.56
N ALA A 377 -22.60 11.85 10.62
CA ALA A 377 -21.87 11.04 11.57
C ALA A 377 -20.48 11.64 11.71
N GLU A 378 -19.94 11.50 12.91
CA GLU A 378 -18.59 11.94 13.19
C GLU A 378 -17.87 10.61 12.99
N ILE A 379 -17.16 10.50 11.89
CA ILE A 379 -16.47 9.28 11.54
C ILE A 379 -15.18 9.04 12.29
N ALA A 380 -15.08 7.88 12.93
CA ALA A 380 -13.88 7.46 13.65
C ALA A 380 -12.97 6.90 12.56
N THR A 381 -11.69 7.24 12.62
CA THR A 381 -10.76 6.82 11.58
C THR A 381 -9.76 5.75 11.95
N TYR A 382 -9.74 5.35 13.22
CA TYR A 382 -8.89 4.24 13.64
C TYR A 382 -7.41 4.39 13.31
N ASN A 383 -6.91 5.62 13.24
CA ASN A 383 -5.51 5.86 12.89
C ASN A 383 -5.21 5.22 11.54
N ASP A 384 -6.23 5.13 10.69
CA ASP A 384 -6.08 4.50 9.39
C ASP A 384 -6.32 5.51 8.28
N HIS A 385 -5.27 5.84 7.54
CA HIS A 385 -5.38 6.79 6.44
C HIS A 385 -6.52 6.50 5.47
N ARG A 386 -6.77 5.22 5.18
CA ARG A 386 -7.83 4.91 4.23
C ARG A 386 -9.24 5.08 4.77
N MET A 387 -9.41 4.97 6.08
CA MET A 387 -10.74 5.18 6.67
C MET A 387 -11.09 6.66 6.45
N ALA A 388 -10.13 7.54 6.69
CA ALA A 388 -10.34 8.97 6.50
C ALA A 388 -10.68 9.29 5.04
N MET A 389 -9.93 8.71 4.11
CA MET A 389 -10.18 8.98 2.71
C MET A 389 -11.48 8.34 2.20
N CYS A 390 -11.74 7.08 2.58
CA CYS A 390 -12.98 6.44 2.13
C CYS A 390 -14.21 7.24 2.60
N PHE A 391 -14.23 7.65 3.86
CA PHE A 391 -15.40 8.33 4.36
C PHE A 391 -15.56 9.78 3.95
N SER A 392 -14.53 10.34 3.34
CA SER A 392 -14.61 11.70 2.84
C SER A 392 -15.69 11.70 1.75
N LEU A 393 -15.90 10.53 1.12
CA LEU A 393 -16.88 10.43 0.05
C LEU A 393 -18.33 10.56 0.52
N VAL A 394 -18.55 10.46 1.83
CA VAL A 394 -19.89 10.59 2.36
C VAL A 394 -20.41 12.01 2.07
N ALA A 395 -19.49 12.96 1.92
CA ALA A 395 -19.83 14.35 1.65
C ALA A 395 -20.40 14.57 0.23
N LEU A 396 -20.29 13.56 -0.63
CA LEU A 396 -20.81 13.66 -1.99
C LEU A 396 -22.30 13.38 -1.96
N SER A 397 -22.96 13.90 -0.94
CA SER A 397 -24.39 13.69 -0.75
C SER A 397 -25.00 14.96 -0.18
N ASP A 398 -26.18 14.84 0.42
CA ASP A 398 -26.84 16.02 1.00
C ASP A 398 -26.37 16.26 2.42
N THR A 399 -25.62 15.32 2.99
CA THR A 399 -25.15 15.51 4.36
C THR A 399 -23.68 15.78 4.53
N PRO A 400 -23.34 16.67 5.47
CA PRO A 400 -21.92 16.92 5.66
C PRO A 400 -21.44 15.71 6.47
N VAL A 401 -20.13 15.59 6.65
CA VAL A 401 -19.57 14.50 7.42
C VAL A 401 -18.36 15.03 8.18
N THR A 402 -18.19 14.58 9.42
CA THR A 402 -17.04 15.03 10.19
C THR A 402 -16.08 13.85 10.28
N ILE A 403 -14.85 14.12 9.86
CA ILE A 403 -13.82 13.10 9.85
C ILE A 403 -12.85 13.36 10.99
N LEU A 404 -12.75 12.42 11.92
CA LEU A 404 -11.84 12.59 13.03
C LEU A 404 -10.40 12.31 12.57
N ASP A 405 -9.44 12.98 13.20
CA ASP A 405 -8.03 12.79 12.91
C ASP A 405 -7.76 12.79 11.40
N PRO A 406 -8.18 13.85 10.69
CA PRO A 406 -7.98 13.94 9.24
C PRO A 406 -6.51 13.82 8.82
N LYS A 407 -5.60 14.21 9.71
CA LYS A 407 -4.17 14.15 9.41
C LYS A 407 -3.65 12.72 9.25
N CYS A 408 -4.44 11.72 9.62
CA CYS A 408 -3.97 10.35 9.48
C CYS A 408 -3.79 9.97 8.00
N THR A 409 -4.32 10.80 7.10
CA THR A 409 -4.16 10.52 5.67
C THR A 409 -2.69 10.68 5.27
N ALA A 410 -1.93 11.39 6.11
CA ALA A 410 -0.51 11.65 5.83
C ALA A 410 0.34 10.39 5.64
N LYS A 411 -0.14 9.24 6.08
CA LYS A 411 0.60 7.99 5.90
C LYS A 411 0.96 7.83 4.41
N THR A 412 0.00 8.13 3.53
CA THR A 412 0.23 8.01 2.10
C THR A 412 -0.22 9.22 1.29
N PHE A 413 -0.98 10.13 1.90
CA PHE A 413 -1.53 11.24 1.15
C PHE A 413 -1.77 12.47 2.02
N PRO A 414 -0.69 13.17 2.40
CA PRO A 414 -0.77 14.36 3.24
C PRO A 414 -1.73 15.44 2.73
N ASP A 415 -1.77 15.63 1.41
CA ASP A 415 -2.62 16.66 0.81
C ASP A 415 -3.99 16.16 0.37
N TYR A 416 -4.43 15.02 0.88
CA TYR A 416 -5.70 14.47 0.47
C TYR A 416 -6.88 15.44 0.43
N PHE A 417 -7.18 16.08 1.56
CA PHE A 417 -8.34 16.96 1.58
C PHE A 417 -8.28 18.19 0.68
N GLU A 418 -7.08 18.76 0.49
CA GLU A 418 -6.95 19.90 -0.41
C GLU A 418 -7.19 19.42 -1.85
N GLN A 419 -6.69 18.23 -2.16
CA GLN A 419 -6.87 17.68 -3.50
C GLN A 419 -8.34 17.38 -3.76
N LEU A 420 -9.04 16.84 -2.77
CA LEU A 420 -10.46 16.55 -2.91
C LEU A 420 -11.19 17.89 -3.12
N ALA A 421 -10.76 18.90 -2.38
CA ALA A 421 -11.39 20.21 -2.48
C ALA A 421 -11.13 20.77 -3.87
N ARG A 422 -9.97 20.45 -4.42
CA ARG A 422 -9.62 20.94 -5.75
C ARG A 422 -10.65 20.51 -6.77
N ILE A 423 -11.12 19.28 -6.70
CA ILE A 423 -12.12 18.82 -7.66
C ILE A 423 -13.56 19.06 -7.19
N SER A 424 -13.73 19.56 -5.97
CA SER A 424 -15.06 19.81 -5.45
C SER A 424 -15.58 21.10 -6.04
N GLN A 425 -16.73 21.03 -6.70
CA GLN A 425 -17.32 22.20 -7.34
C GLN A 425 -18.66 22.50 -6.69
N ALA A 426 -18.94 23.78 -6.47
CA ALA A 426 -20.20 24.19 -5.85
C ALA A 426 -21.29 24.25 -6.92
N ALA A 427 -20.87 24.49 -8.15
CA ALA A 427 -21.78 24.57 -9.28
C ALA A 427 -21.55 23.41 -10.24
#